data_1GVO
#
_entry.id   1GVO
#
_cell.length_a   56.963
_cell.length_b   69.094
_cell.length_c   89.024
_cell.angle_alpha   90.00
_cell.angle_beta   90.00
_cell.angle_gamma   90.00
#
_symmetry.space_group_name_H-M   'P 21 21 21'
#
loop_
_entity.id
_entity.type
_entity.pdbx_description
1 polymer 'PENTAERYTHRITOL TETRANITRATE REDUCTASE'
2 non-polymer 'FLAVIN MONONUCLEOTIDE'
3 non-polymer 2,4-DINITROPHENOL
4 water water
#
_entity_poly.entity_id   1
_entity_poly.type   'polypeptide(L)'
_entity_poly.pdbx_seq_one_letter_code
;SAEKLFTPLKVGAVTAPNRVFMAPLTRLRSIEPGDIPTPLMGEYYRQRASAGLIISEATQISAQAKGYAGAPGLHSPEQI
AAWKKITAGVHAEDGRIAVQLWHTGRISHSSIQPGGQAPVSASALNANTRTSLRDENGNAIRVDTTTPRALELDEIPGIV
NDFRQAVANAREAGFDLVELHSAHGYLLHQFLSPSSNQRTDQYGGSVENRARLVLEVVDAVCNEWSADRIGIRVSPIGTF
QNVDNGPNEEADALYLIEELAKRGIAYLHMSETDLAGGKPYSEAFRQKVRERFHGVIIGAGAYTAEKAEDLIGKGLIDAV
AFGRDYIANPDLVARLQKKAELNPQRPESFYGGGAEGYTDYPSL
;
_entity_poly.pdbx_strand_id   A
#
# COMPACT_ATOMS: atom_id res chain seq x y z
N GLU A 3 -27.35 -8.70 -0.81
CA GLU A 3 -25.91 -8.62 -0.43
C GLU A 3 -24.99 -9.06 -1.56
N LYS A 4 -23.94 -8.29 -1.80
CA LYS A 4 -23.00 -8.62 -2.86
C LYS A 4 -21.56 -8.76 -2.35
N LEU A 5 -21.34 -8.37 -1.09
CA LEU A 5 -20.00 -8.47 -0.51
C LEU A 5 -19.45 -9.89 -0.49
N PHE A 6 -20.34 -10.87 -0.58
CA PHE A 6 -19.94 -12.26 -0.51
C PHE A 6 -20.08 -13.01 -1.83
N THR A 7 -19.87 -12.30 -2.92
CA THR A 7 -19.95 -12.89 -4.26
C THR A 7 -18.57 -12.78 -4.92
N PRO A 8 -18.22 -13.76 -5.78
CA PRO A 8 -16.93 -13.78 -6.48
C PRO A 8 -16.62 -12.57 -7.34
N LEU A 9 -15.32 -12.31 -7.54
CA LEU A 9 -14.86 -11.19 -8.34
C LEU A 9 -13.52 -11.52 -9.00
N LYS A 10 -13.44 -11.32 -10.31
CA LYS A 10 -12.20 -11.57 -11.03
C LYS A 10 -11.27 -10.38 -10.81
N VAL A 11 -10.09 -10.63 -10.22
CA VAL A 11 -9.12 -9.57 -9.96
C VAL A 11 -7.83 -9.89 -10.70
N GLY A 12 -7.67 -9.36 -11.90
CA GLY A 12 -6.48 -9.66 -12.67
C GLY A 12 -6.36 -11.16 -12.90
N ALA A 13 -5.19 -11.72 -12.58
CA ALA A 13 -4.92 -13.15 -12.79
C ALA A 13 -5.60 -14.11 -11.80
N VAL A 14 -6.22 -13.60 -10.75
CA VAL A 14 -6.87 -14.49 -9.78
C VAL A 14 -8.34 -14.17 -9.60
N THR A 15 -9.04 -15.04 -8.88
CA THR A 15 -10.45 -14.86 -8.61
C THR A 15 -10.71 -14.87 -7.10
N ALA A 16 -11.23 -13.75 -6.59
CA ALA A 16 -11.54 -13.64 -5.17
C ALA A 16 -12.94 -14.20 -4.95
N PRO A 17 -13.13 -14.97 -3.87
CA PRO A 17 -14.45 -15.55 -3.58
C PRO A 17 -15.43 -14.58 -2.92
N ASN A 18 -14.92 -13.43 -2.48
CA ASN A 18 -15.76 -12.41 -1.85
C ASN A 18 -15.09 -11.07 -2.07
N ARG A 19 -15.80 -9.97 -1.74
CA ARG A 19 -15.27 -8.64 -1.96
C ARG A 19 -14.80 -7.93 -0.70
N VAL A 20 -14.52 -8.71 0.34
CA VAL A 20 -14.04 -8.17 1.60
C VAL A 20 -12.53 -8.38 1.61
N PHE A 21 -11.78 -7.32 1.29
CA PHE A 21 -10.33 -7.36 1.22
C PHE A 21 -9.64 -6.83 2.47
N MET A 22 -8.42 -7.31 2.73
CA MET A 22 -7.64 -6.84 3.87
C MET A 22 -6.69 -5.76 3.36
N ALA A 23 -6.84 -4.54 3.88
CA ALA A 23 -6.02 -3.41 3.49
C ALA A 23 -4.58 -3.56 3.95
N PRO A 24 -3.63 -2.92 3.24
CA PRO A 24 -2.21 -2.99 3.62
C PRO A 24 -2.04 -2.32 4.98
N LEU A 25 -1.43 -3.03 5.93
CA LEU A 25 -1.25 -2.50 7.28
C LEU A 25 0.16 -2.69 7.84
N THR A 26 0.88 -1.59 7.99
CA THR A 26 2.23 -1.61 8.55
C THR A 26 2.11 -1.98 10.04
N ARG A 27 2.80 -3.04 10.45
CA ARG A 27 2.75 -3.50 11.84
C ARG A 27 4.11 -3.48 12.54
N LEU A 28 5.16 -3.25 11.76
CA LEU A 28 6.52 -3.11 12.27
C LEU A 28 7.03 -4.19 13.22
N ARG A 29 6.89 -5.45 12.83
CA ARG A 29 7.34 -6.56 13.67
C ARG A 29 8.41 -7.43 12.99
N SER A 30 9.04 -6.91 11.94
CA SER A 30 10.08 -7.64 11.22
C SER A 30 11.39 -7.72 12.00
N ILE A 31 12.23 -8.67 11.65
CA ILE A 31 13.53 -8.84 12.29
C ILE A 31 14.58 -7.87 11.76
N GLU A 32 15.36 -7.31 12.68
CA GLU A 32 16.47 -6.43 12.34
C GLU A 32 17.64 -7.00 13.10
N PRO A 33 18.83 -7.07 12.48
CA PRO A 33 19.12 -6.65 11.11
C PRO A 33 18.53 -7.54 10.01
N GLY A 34 18.32 -6.95 8.83
CA GLY A 34 17.81 -7.70 7.71
C GLY A 34 16.40 -7.41 7.24
N ASP A 35 15.61 -6.73 8.07
CA ASP A 35 14.21 -6.39 7.72
C ASP A 35 13.52 -7.63 7.19
N ILE A 36 13.66 -8.72 7.95
CA ILE A 36 13.14 -10.04 7.58
C ILE A 36 11.79 -10.43 8.14
N PRO A 37 10.87 -10.91 7.27
CA PRO A 37 9.54 -11.33 7.72
C PRO A 37 9.75 -12.51 8.69
N THR A 38 8.83 -12.68 9.63
CA THR A 38 8.95 -13.74 10.64
C THR A 38 7.84 -14.80 10.63
N PRO A 39 8.07 -15.91 11.35
CA PRO A 39 7.05 -16.97 11.41
C PRO A 39 5.78 -16.39 12.05
N LEU A 40 5.95 -15.46 12.99
CA LEU A 40 4.80 -14.83 13.65
C LEU A 40 3.98 -14.06 12.61
N MET A 41 4.65 -13.36 11.71
CA MET A 41 3.97 -12.62 10.65
C MET A 41 3.24 -13.63 9.74
N GLY A 42 3.88 -14.78 9.52
CA GLY A 42 3.25 -15.81 8.70
C GLY A 42 1.95 -16.29 9.32
N GLU A 43 1.95 -16.46 10.63
CA GLU A 43 0.75 -16.91 11.33
C GLU A 43 -0.37 -15.86 11.25
N TYR A 44 0.01 -14.59 11.40
CA TYR A 44 -0.92 -13.46 11.33
C TYR A 44 -1.66 -13.44 9.98
N TYR A 45 -0.91 -13.59 8.90
CA TYR A 45 -1.51 -13.59 7.57
C TYR A 45 -2.33 -14.86 7.34
N ARG A 46 -1.84 -15.99 7.84
CA ARG A 46 -2.57 -17.25 7.67
C ARG A 46 -3.94 -17.21 8.35
N GLN A 47 -4.00 -16.54 9.51
CA GLN A 47 -5.26 -16.42 10.25
C GLN A 47 -6.30 -15.62 9.47
N ARG A 48 -5.84 -14.79 8.55
CA ARG A 48 -6.72 -13.92 7.76
C ARG A 48 -6.90 -14.35 6.31
N ALA A 49 -6.53 -15.59 6.01
CA ALA A 49 -6.61 -16.13 4.66
C ALA A 49 -8.00 -16.24 4.01
N SER A 50 -9.07 -16.06 4.80
CA SER A 50 -10.41 -16.14 4.21
C SER A 50 -10.78 -14.84 3.50
N ALA A 51 -9.96 -13.81 3.63
CA ALA A 51 -10.21 -12.53 2.96
C ALA A 51 -10.28 -12.74 1.45
N GLY A 52 -11.12 -11.95 0.77
CA GLY A 52 -11.22 -12.07 -0.68
C GLY A 52 -9.83 -11.91 -1.27
N LEU A 53 -9.07 -11.00 -0.67
CA LEU A 53 -7.70 -10.75 -1.07
C LEU A 53 -6.98 -10.08 0.10
N ILE A 54 -5.79 -10.57 0.40
CA ILE A 54 -4.97 -9.97 1.46
C ILE A 54 -3.96 -9.06 0.76
N ILE A 55 -3.85 -7.82 1.20
CA ILE A 55 -2.86 -6.89 0.66
C ILE A 55 -1.89 -6.73 1.83
N SER A 56 -0.63 -7.11 1.63
CA SER A 56 0.36 -7.04 2.70
C SER A 56 0.73 -5.65 3.17
N GLU A 57 1.44 -5.62 4.31
CA GLU A 57 1.95 -4.39 4.89
C GLU A 57 2.93 -3.85 3.85
N ALA A 58 3.15 -2.53 3.84
CA ALA A 58 4.09 -1.92 2.91
C ALA A 58 5.48 -2.59 3.05
N THR A 59 6.07 -2.95 1.92
CA THR A 59 7.36 -3.64 1.90
C THR A 59 8.39 -2.94 1.01
N GLN A 60 9.62 -2.77 1.53
CA GLN A 60 10.70 -2.09 0.78
C GLN A 60 11.15 -2.76 -0.51
N ILE A 61 11.32 -1.94 -1.55
CA ILE A 61 11.80 -2.43 -2.84
C ILE A 61 13.32 -2.46 -2.81
N SER A 62 13.91 -1.78 -1.83
CA SER A 62 15.36 -1.69 -1.69
C SER A 62 15.69 -1.23 -0.26
N ALA A 63 16.96 -1.25 0.11
CA ALA A 63 17.36 -0.80 1.44
C ALA A 63 17.13 0.71 1.56
N GLN A 64 17.40 1.45 0.48
CA GLN A 64 17.22 2.89 0.46
C GLN A 64 15.73 3.25 0.69
N ALA A 65 14.85 2.36 0.23
CA ALA A 65 13.41 2.58 0.37
C ALA A 65 12.93 2.57 1.82
N LYS A 66 13.72 1.99 2.72
CA LYS A 66 13.35 1.90 4.13
C LYS A 66 13.16 3.23 4.84
N GLY A 67 12.07 3.34 5.59
CA GLY A 67 11.79 4.55 6.33
C GLY A 67 11.33 4.28 7.77
N TYR A 68 10.96 3.03 8.05
CA TYR A 68 10.49 2.61 9.38
C TYR A 68 11.24 1.39 9.89
N ALA A 69 11.63 1.41 11.17
CA ALA A 69 12.32 0.27 11.77
C ALA A 69 11.24 -0.79 12.00
N GLY A 70 11.46 -2.00 11.49
CA GLY A 70 10.47 -3.06 11.66
C GLY A 70 9.68 -3.39 10.40
N ALA A 71 9.77 -2.54 9.38
CA ALA A 71 9.07 -2.79 8.11
C ALA A 71 9.91 -3.79 7.30
N PRO A 72 9.27 -4.76 6.65
CA PRO A 72 10.00 -5.75 5.86
C PRO A 72 10.41 -5.29 4.46
N GLY A 73 11.37 -6.02 3.89
CA GLY A 73 11.83 -5.73 2.54
C GLY A 73 11.60 -6.93 1.63
N LEU A 74 11.81 -6.73 0.34
CA LEU A 74 11.67 -7.80 -0.64
C LEU A 74 12.79 -7.63 -1.66
N HIS A 75 14.00 -7.38 -1.17
CA HIS A 75 15.17 -7.19 -2.03
C HIS A 75 16.34 -8.15 -1.76
N SER A 76 16.37 -8.77 -0.59
CA SER A 76 17.46 -9.69 -0.25
C SER A 76 17.04 -11.16 -0.31
N PRO A 77 18.02 -12.06 -0.41
CA PRO A 77 17.71 -13.50 -0.46
C PRO A 77 16.97 -13.96 0.79
N GLU A 78 17.41 -13.49 1.96
CA GLU A 78 16.78 -13.85 3.23
C GLU A 78 15.32 -13.41 3.29
N GLN A 79 15.03 -12.22 2.74
CA GLN A 79 13.67 -11.71 2.73
C GLN A 79 12.79 -12.53 1.81
N ILE A 80 13.31 -12.84 0.61
CA ILE A 80 12.58 -13.64 -0.37
C ILE A 80 12.23 -15.01 0.23
N ALA A 81 13.21 -15.65 0.87
CA ALA A 81 13.00 -16.96 1.49
C ALA A 81 11.92 -16.90 2.57
N ALA A 82 11.92 -15.84 3.37
CA ALA A 82 10.94 -15.69 4.43
C ALA A 82 9.53 -15.45 3.88
N TRP A 83 9.42 -14.59 2.86
CA TRP A 83 8.12 -14.31 2.25
C TRP A 83 7.54 -15.56 1.59
N LYS A 84 8.40 -16.41 1.04
CA LYS A 84 7.96 -17.65 0.39
C LYS A 84 7.18 -18.52 1.36
N LYS A 85 7.60 -18.54 2.62
CA LYS A 85 6.92 -19.34 3.63
C LYS A 85 5.57 -18.70 3.96
N ILE A 86 5.53 -17.37 3.99
CA ILE A 86 4.30 -16.66 4.31
C ILE A 86 3.22 -16.81 3.23
N THR A 87 3.61 -16.68 1.96
CA THR A 87 2.62 -16.84 0.90
C THR A 87 2.16 -18.29 0.83
N ALA A 88 3.06 -19.23 1.12
CA ALA A 88 2.72 -20.66 1.10
C ALA A 88 1.67 -20.95 2.18
N GLY A 89 1.78 -20.27 3.32
CA GLY A 89 0.82 -20.46 4.39
C GLY A 89 -0.56 -19.98 3.98
N VAL A 90 -0.63 -18.82 3.33
CA VAL A 90 -1.89 -18.26 2.88
C VAL A 90 -2.51 -19.18 1.82
N HIS A 91 -1.68 -19.69 0.92
CA HIS A 91 -2.16 -20.58 -0.13
C HIS A 91 -2.60 -21.93 0.42
N ALA A 92 -1.97 -22.38 1.50
CA ALA A 92 -2.35 -23.65 2.11
C ALA A 92 -3.78 -23.55 2.62
N GLU A 93 -4.22 -22.33 2.92
CA GLU A 93 -5.57 -22.10 3.42
C GLU A 93 -6.51 -21.60 2.32
N ASP A 94 -6.08 -21.75 1.07
CA ASP A 94 -6.87 -21.37 -0.10
C ASP A 94 -7.09 -19.86 -0.22
N GLY A 95 -6.10 -19.08 0.22
CA GLY A 95 -6.22 -17.62 0.13
C GLY A 95 -5.41 -17.01 -1.01
N ARG A 96 -5.48 -15.69 -1.12
CA ARG A 96 -4.73 -14.96 -2.15
C ARG A 96 -4.06 -13.78 -1.47
N ILE A 97 -2.81 -13.48 -1.85
CA ILE A 97 -2.11 -12.38 -1.21
C ILE A 97 -1.28 -11.54 -2.18
N ALA A 98 -1.41 -10.23 -2.05
CA ALA A 98 -0.67 -9.27 -2.87
C ALA A 98 0.33 -8.58 -1.95
N VAL A 99 1.50 -8.23 -2.49
CA VAL A 99 2.49 -7.53 -1.68
C VAL A 99 2.46 -6.06 -2.04
N GLN A 100 2.32 -5.19 -1.04
CA GLN A 100 2.35 -3.77 -1.32
C GLN A 100 3.82 -3.34 -1.29
N LEU A 101 4.29 -2.75 -2.39
CA LEU A 101 5.67 -2.32 -2.50
C LEU A 101 5.82 -0.80 -2.41
N TRP A 102 6.75 -0.33 -1.57
CA TRP A 102 6.94 1.12 -1.43
C TRP A 102 8.39 1.55 -1.34
N HIS A 103 8.56 2.87 -1.46
CA HIS A 103 9.82 3.56 -1.27
C HIS A 103 9.27 4.70 -0.42
N THR A 104 9.77 4.85 0.80
CA THR A 104 9.24 5.89 1.70
C THR A 104 9.66 7.31 1.37
N GLY A 105 10.73 7.46 0.58
CA GLY A 105 11.18 8.79 0.24
C GLY A 105 11.51 9.58 1.49
N ARG A 106 11.03 10.82 1.56
CA ARG A 106 11.31 11.70 2.70
C ARG A 106 10.66 11.33 4.05
N ILE A 107 9.74 10.37 4.07
CA ILE A 107 9.17 9.96 5.36
C ILE A 107 10.08 8.84 5.82
N SER A 108 11.24 9.25 6.34
CA SER A 108 12.29 8.34 6.78
C SER A 108 13.24 9.09 7.73
N HIS A 109 14.31 8.41 8.14
CA HIS A 109 15.29 8.99 9.06
C HIS A 109 16.67 8.50 8.63
N SER A 110 17.67 9.37 8.72
CA SER A 110 19.02 8.99 8.30
C SER A 110 19.61 7.79 9.04
N SER A 111 19.23 7.59 10.30
CA SER A 111 19.77 6.48 11.08
C SER A 111 19.46 5.08 10.54
N ILE A 112 18.45 4.96 9.68
CA ILE A 112 18.13 3.66 9.11
C ILE A 112 18.36 3.60 7.61
N GLN A 113 19.03 4.62 7.08
CA GLN A 113 19.37 4.69 5.66
C GLN A 113 20.75 4.10 5.44
N PRO A 114 21.04 3.64 4.21
CA PRO A 114 22.36 3.07 3.95
C PRO A 114 23.44 4.11 4.28
N GLY A 115 24.45 3.71 5.03
CA GLY A 115 25.52 4.64 5.40
C GLY A 115 25.10 5.73 6.36
N GLY A 116 23.85 5.67 6.84
CA GLY A 116 23.36 6.67 7.76
C GLY A 116 23.20 8.05 7.14
N GLN A 117 23.04 8.09 5.82
CA GLN A 117 22.90 9.35 5.10
C GLN A 117 21.45 9.79 4.96
N ALA A 118 21.25 11.03 4.50
CA ALA A 118 19.92 11.59 4.32
C ALA A 118 19.08 10.81 3.31
N PRO A 119 17.76 10.70 3.56
CA PRO A 119 16.87 9.97 2.63
C PRO A 119 16.65 10.82 1.38
N VAL A 120 16.05 10.23 0.35
CA VAL A 120 15.81 10.94 -0.91
C VAL A 120 14.36 11.28 -1.19
N SER A 121 14.14 12.26 -2.08
CA SER A 121 12.80 12.68 -2.45
C SER A 121 12.84 13.45 -3.78
N ALA A 122 11.70 13.98 -4.20
CA ALA A 122 11.63 14.75 -5.43
C ALA A 122 12.38 16.06 -5.23
N SER A 123 12.26 16.62 -4.03
CA SER A 123 12.91 17.88 -3.68
C SER A 123 13.48 17.80 -2.25
N ALA A 124 14.29 18.79 -1.89
CA ALA A 124 14.90 18.84 -0.56
C ALA A 124 14.00 19.59 0.42
N LEU A 125 12.84 19.01 0.72
CA LEU A 125 11.87 19.60 1.63
C LEU A 125 11.50 18.57 2.70
N ASN A 126 11.60 18.96 3.97
CA ASN A 126 11.27 18.02 5.06
C ASN A 126 9.78 17.68 5.06
N ALA A 127 9.46 16.43 5.38
CA ALA A 127 8.07 15.97 5.41
C ALA A 127 7.31 16.59 6.58
N ASN A 128 8.06 17.10 7.56
CA ASN A 128 7.47 17.74 8.74
C ASN A 128 6.50 16.81 9.48
N THR A 129 6.88 15.55 9.61
CA THR A 129 6.05 14.60 10.33
C THR A 129 7.01 13.69 11.10
N ARG A 130 6.52 12.52 11.50
CA ARG A 130 7.35 11.57 12.23
C ARG A 130 7.28 10.20 11.62
N THR A 131 8.32 9.40 11.85
CA THR A 131 8.35 8.03 11.37
C THR A 131 8.56 7.19 12.61
N SER A 132 8.62 5.88 12.44
CA SER A 132 8.80 5.00 13.60
C SER A 132 10.14 4.26 13.57
N LEU A 133 10.92 4.44 14.63
CA LEU A 133 12.20 3.76 14.79
C LEU A 133 12.09 2.82 15.97
N ARG A 134 13.21 2.24 16.40
CA ARG A 134 13.20 1.34 17.55
C ARG A 134 14.24 1.80 18.55
N ASP A 135 13.94 1.66 19.84
CA ASP A 135 14.90 2.07 20.86
C ASP A 135 15.86 0.93 21.20
N GLU A 136 16.72 1.17 22.18
CA GLU A 136 17.72 0.18 22.60
C GLU A 136 17.12 -1.16 23.01
N ASN A 137 15.84 -1.19 23.35
CA ASN A 137 15.20 -2.43 23.76
C ASN A 137 14.31 -3.03 22.68
N GLY A 138 14.35 -2.44 21.49
CA GLY A 138 13.56 -2.95 20.39
C GLY A 138 12.13 -2.46 20.34
N ASN A 139 11.79 -1.50 21.21
CA ASN A 139 10.44 -0.96 21.23
C ASN A 139 10.28 0.19 20.23
N ALA A 140 9.09 0.28 19.63
CA ALA A 140 8.81 1.32 18.65
C ALA A 140 8.76 2.73 19.27
N ILE A 141 9.36 3.68 18.57
CA ILE A 141 9.40 5.07 19.03
C ILE A 141 9.19 6.02 17.85
N ARG A 142 8.52 7.15 18.10
CA ARG A 142 8.25 8.14 17.08
C ARG A 142 9.41 9.14 17.04
N VAL A 143 9.88 9.46 15.83
CA VAL A 143 10.99 10.39 15.66
C VAL A 143 10.76 11.30 14.45
N ASP A 144 11.07 12.59 14.59
CA ASP A 144 10.88 13.54 13.50
C ASP A 144 11.67 13.11 12.26
N THR A 145 11.07 13.31 11.08
CA THR A 145 11.71 12.94 9.82
C THR A 145 12.92 13.79 9.45
N THR A 146 13.88 13.17 8.78
CA THR A 146 15.11 13.83 8.34
C THR A 146 14.89 14.58 7.03
N THR A 147 15.45 15.78 6.91
CA THR A 147 15.30 16.54 5.67
C THR A 147 15.97 15.73 4.56
N PRO A 148 15.26 15.53 3.44
CA PRO A 148 15.77 14.75 2.30
C PRO A 148 16.68 15.48 1.31
N ARG A 149 17.34 14.67 0.50
CA ARG A 149 18.22 15.14 -0.57
C ARG A 149 17.38 14.95 -1.85
N ALA A 150 17.40 15.91 -2.75
CA ALA A 150 16.64 15.79 -3.99
C ALA A 150 17.35 14.80 -4.92
N LEU A 151 16.61 13.86 -5.48
CA LEU A 151 17.18 12.88 -6.40
C LEU A 151 17.73 13.60 -7.63
N GLU A 152 18.90 13.16 -8.09
CA GLU A 152 19.52 13.73 -9.30
C GLU A 152 18.77 13.09 -10.46
N LEU A 153 18.72 13.78 -11.59
CA LEU A 153 18.02 13.25 -12.76
C LEU A 153 18.52 11.85 -13.14
N ASP A 154 19.83 11.63 -13.12
CA ASP A 154 20.36 10.32 -13.49
C ASP A 154 20.17 9.23 -12.45
N GLU A 155 19.51 9.56 -11.34
CA GLU A 155 19.23 8.59 -10.29
C GLU A 155 17.83 7.99 -10.47
N ILE A 156 17.01 8.63 -11.31
CA ILE A 156 15.64 8.16 -11.53
C ILE A 156 15.56 6.76 -12.14
N PRO A 157 16.34 6.47 -13.19
CA PRO A 157 16.26 5.12 -13.76
C PRO A 157 16.52 4.02 -12.72
N GLY A 158 17.39 4.33 -11.75
CA GLY A 158 17.69 3.37 -10.70
C GLY A 158 16.49 3.06 -9.84
N ILE A 159 15.69 4.09 -9.55
CA ILE A 159 14.47 3.93 -8.75
C ILE A 159 13.49 3.03 -9.51
N VAL A 160 13.32 3.30 -10.79
CA VAL A 160 12.42 2.49 -11.62
C VAL A 160 12.90 1.05 -11.63
N ASN A 161 14.21 0.85 -11.79
CA ASN A 161 14.75 -0.50 -11.81
C ASN A 161 14.54 -1.25 -10.49
N ASP A 162 14.58 -0.53 -9.37
CA ASP A 162 14.38 -1.17 -8.07
C ASP A 162 12.94 -1.69 -7.96
N PHE A 163 11.98 -0.93 -8.49
CA PHE A 163 10.60 -1.37 -8.47
C PHE A 163 10.48 -2.62 -9.35
N ARG A 164 11.12 -2.58 -10.52
CA ARG A 164 11.09 -3.70 -11.46
C ARG A 164 11.65 -4.98 -10.81
N GLN A 165 12.81 -4.86 -10.17
CA GLN A 165 13.44 -6.01 -9.54
C GLN A 165 12.58 -6.56 -8.39
N ALA A 166 11.99 -5.66 -7.61
CA ALA A 166 11.15 -6.07 -6.50
C ALA A 166 9.94 -6.89 -6.97
N VAL A 167 9.39 -6.52 -8.11
CA VAL A 167 8.24 -7.25 -8.67
C VAL A 167 8.69 -8.63 -9.13
N ALA A 168 9.88 -8.71 -9.71
CA ALA A 168 10.40 -10.01 -10.14
C ALA A 168 10.57 -10.88 -8.90
N ASN A 169 11.06 -10.28 -7.81
CA ASN A 169 11.26 -10.98 -6.55
C ASN A 169 9.93 -11.42 -5.95
N ALA A 170 8.91 -10.57 -6.07
CA ALA A 170 7.57 -10.87 -5.56
C ALA A 170 7.02 -12.10 -6.27
N ARG A 171 7.25 -12.17 -7.58
CA ARG A 171 6.78 -13.31 -8.36
C ARG A 171 7.42 -14.60 -7.83
N GLU A 172 8.74 -14.58 -7.62
CA GLU A 172 9.40 -15.78 -7.11
C GLU A 172 8.95 -16.10 -5.68
N ALA A 173 8.68 -15.06 -4.90
CA ALA A 173 8.24 -15.26 -3.52
C ALA A 173 6.84 -15.87 -3.39
N GLY A 174 6.15 -16.03 -4.52
CA GLY A 174 4.82 -16.63 -4.49
C GLY A 174 3.61 -15.74 -4.37
N PHE A 175 3.80 -14.42 -4.40
CA PHE A 175 2.66 -13.51 -4.32
C PHE A 175 1.80 -13.64 -5.57
N ASP A 176 0.50 -13.43 -5.40
CA ASP A 176 -0.46 -13.51 -6.50
C ASP A 176 -0.52 -12.23 -7.31
N LEU A 177 -0.27 -11.10 -6.64
CA LEU A 177 -0.31 -9.78 -7.26
C LEU A 177 0.64 -8.84 -6.50
N VAL A 178 0.86 -7.65 -7.05
CA VAL A 178 1.68 -6.65 -6.38
C VAL A 178 0.88 -5.35 -6.38
N GLU A 179 1.00 -4.57 -5.31
CA GLU A 179 0.31 -3.29 -5.25
C GLU A 179 1.34 -2.18 -5.09
N LEU A 180 1.43 -1.29 -6.07
CA LEU A 180 2.37 -0.17 -5.99
C LEU A 180 1.83 0.87 -5.02
N HIS A 181 2.62 1.24 -4.02
CA HIS A 181 2.18 2.25 -3.05
C HIS A 181 2.41 3.66 -3.60
N SER A 182 1.43 4.19 -4.31
CA SER A 182 1.53 5.52 -4.90
C SER A 182 0.69 6.54 -4.11
N ALA A 183 0.54 6.28 -2.81
CA ALA A 183 -0.28 7.13 -1.96
C ALA A 183 0.39 7.54 -0.65
N HIS A 184 -0.43 8.20 0.17
CA HIS A 184 -0.06 8.62 1.52
C HIS A 184 1.24 9.38 1.77
N GLY A 185 1.68 10.17 0.79
CA GLY A 185 2.88 10.96 0.97
C GLY A 185 4.23 10.26 0.84
N TYR A 186 4.25 9.03 0.35
CA TYR A 186 5.52 8.32 0.18
C TYR A 186 6.16 8.73 -1.15
N LEU A 187 7.28 8.11 -1.55
CA LEU A 187 7.98 8.56 -2.75
C LEU A 187 7.18 8.86 -4.01
N LEU A 188 6.40 7.90 -4.49
CA LEU A 188 5.64 8.14 -5.71
C LEU A 188 4.69 9.33 -5.56
N HIS A 189 4.01 9.42 -4.42
CA HIS A 189 3.08 10.53 -4.15
C HIS A 189 3.86 11.85 -4.00
N GLN A 190 5.09 11.77 -3.50
CA GLN A 190 5.93 12.96 -3.34
C GLN A 190 6.17 13.62 -4.69
N PHE A 191 6.29 12.80 -5.75
CA PHE A 191 6.49 13.34 -7.09
C PHE A 191 5.15 13.81 -7.69
N LEU A 192 4.07 13.10 -7.38
CA LEU A 192 2.75 13.45 -7.89
C LEU A 192 2.22 14.80 -7.38
N SER A 193 2.52 15.13 -6.13
CA SER A 193 2.03 16.36 -5.51
C SER A 193 2.88 17.63 -5.68
N PRO A 194 2.24 18.74 -6.09
CA PRO A 194 2.98 20.00 -6.28
C PRO A 194 3.58 20.50 -4.95
N SER A 195 2.92 20.18 -3.84
CA SER A 195 3.37 20.63 -2.52
C SER A 195 4.73 20.06 -2.12
N SER A 196 5.05 18.87 -2.64
CA SER A 196 6.31 18.21 -2.31
C SER A 196 7.26 18.11 -3.50
N ASN A 197 6.85 18.63 -4.65
CA ASN A 197 7.65 18.55 -5.85
C ASN A 197 7.87 19.93 -6.47
N GLN A 198 9.09 20.46 -6.35
CA GLN A 198 9.42 21.77 -6.91
C GLN A 198 10.48 21.62 -8.00
N ARG A 199 10.59 20.43 -8.57
CA ARG A 199 11.57 20.16 -9.62
C ARG A 199 11.32 20.99 -10.87
N THR A 200 12.39 21.32 -11.58
CA THR A 200 12.29 22.10 -12.79
C THR A 200 12.65 21.28 -14.04
N ASP A 201 12.88 19.98 -13.86
CA ASP A 201 13.18 19.13 -15.01
C ASP A 201 11.88 18.47 -15.47
N GLN A 202 11.98 17.42 -16.28
CA GLN A 202 10.77 16.77 -16.78
C GLN A 202 9.97 15.98 -15.74
N TYR A 203 10.44 15.97 -14.50
CA TYR A 203 9.73 15.25 -13.44
C TYR A 203 8.98 16.15 -12.46
N GLY A 204 8.88 17.43 -12.80
CA GLY A 204 8.17 18.38 -11.96
C GLY A 204 7.45 19.42 -12.80
N GLY A 205 6.47 20.09 -12.20
CA GLY A 205 5.72 21.11 -12.91
C GLY A 205 4.32 20.68 -13.29
N SER A 206 4.11 20.41 -14.58
CA SER A 206 2.81 19.98 -15.10
C SER A 206 2.42 18.63 -14.51
N VAL A 207 1.13 18.30 -14.57
CA VAL A 207 0.68 17.03 -14.03
C VAL A 207 1.32 15.90 -14.84
N GLU A 208 1.55 16.13 -16.13
CA GLU A 208 2.18 15.13 -16.98
C GLU A 208 3.57 14.81 -16.45
N ASN A 209 4.30 15.86 -16.05
CA ASN A 209 5.65 15.70 -15.50
C ASN A 209 5.62 15.05 -14.12
N ARG A 210 4.68 15.49 -13.28
CA ARG A 210 4.56 14.96 -11.93
C ARG A 210 4.18 13.47 -11.90
N ALA A 211 3.40 13.03 -12.87
CA ALA A 211 2.98 11.63 -12.95
C ALA A 211 3.98 10.79 -13.76
N ARG A 212 4.98 11.43 -14.35
CA ARG A 212 5.95 10.71 -15.16
C ARG A 212 6.61 9.52 -14.46
N LEU A 213 7.08 9.72 -13.23
CA LEU A 213 7.74 8.64 -12.49
C LEU A 213 6.84 7.43 -12.22
N VAL A 214 5.67 7.66 -11.63
CA VAL A 214 4.81 6.52 -11.34
C VAL A 214 4.42 5.76 -12.61
N LEU A 215 4.23 6.46 -13.72
CA LEU A 215 3.88 5.77 -14.97
C LEU A 215 5.05 4.99 -15.56
N GLU A 216 6.28 5.47 -15.35
CA GLU A 216 7.45 4.73 -15.84
C GLU A 216 7.55 3.44 -15.01
N VAL A 217 7.20 3.53 -13.73
CA VAL A 217 7.24 2.37 -12.84
C VAL A 217 6.18 1.36 -13.25
N VAL A 218 4.98 1.84 -13.54
CA VAL A 218 3.90 0.96 -13.97
C VAL A 218 4.29 0.22 -15.25
N ASP A 219 4.85 0.94 -16.22
CA ASP A 219 5.25 0.30 -17.47
C ASP A 219 6.35 -0.74 -17.23
N ALA A 220 7.30 -0.40 -16.36
CA ALA A 220 8.40 -1.30 -16.06
C ALA A 220 7.95 -2.61 -15.39
N VAL A 221 7.02 -2.52 -14.45
CA VAL A 221 6.55 -3.72 -13.76
C VAL A 221 5.60 -4.56 -14.62
N CYS A 222 4.85 -3.92 -15.51
CA CYS A 222 3.96 -4.65 -16.41
C CYS A 222 4.82 -5.47 -17.38
N ASN A 223 5.93 -4.88 -17.79
CA ASN A 223 6.86 -5.55 -18.71
C ASN A 223 7.61 -6.68 -18.01
N GLU A 224 7.97 -6.47 -16.75
CA GLU A 224 8.69 -7.47 -15.99
C GLU A 224 7.85 -8.73 -15.75
N TRP A 225 6.60 -8.52 -15.34
CA TRP A 225 5.70 -9.65 -15.09
C TRP A 225 4.55 -9.60 -16.11
N SER A 226 3.39 -9.12 -15.68
CA SER A 226 2.21 -9.03 -16.55
C SER A 226 1.26 -7.97 -15.98
N ALA A 227 0.58 -7.25 -16.87
CA ALA A 227 -0.36 -6.22 -16.41
C ALA A 227 -1.44 -6.75 -15.48
N ASP A 228 -1.91 -7.98 -15.72
CA ASP A 228 -2.96 -8.54 -14.87
C ASP A 228 -2.46 -9.00 -13.48
N ARG A 229 -1.23 -8.64 -13.16
CA ARG A 229 -0.63 -8.99 -11.85
C ARG A 229 -0.35 -7.70 -11.08
N ILE A 230 -0.61 -6.57 -11.73
CA ILE A 230 -0.31 -5.26 -11.16
C ILE A 230 -1.51 -4.43 -10.66
N GLY A 231 -1.40 -3.96 -9.42
CA GLY A 231 -2.40 -3.11 -8.82
C GLY A 231 -1.70 -1.86 -8.33
N ILE A 232 -2.44 -0.79 -8.06
CA ILE A 232 -1.83 0.44 -7.58
C ILE A 232 -2.74 1.13 -6.57
N ARG A 233 -2.15 1.67 -5.50
CA ARG A 233 -2.93 2.40 -4.52
C ARG A 233 -2.62 3.88 -4.63
N VAL A 234 -3.66 4.70 -4.72
CA VAL A 234 -3.51 6.14 -4.83
C VAL A 234 -4.42 6.80 -3.78
N SER A 235 -4.09 8.04 -3.42
CA SER A 235 -4.86 8.84 -2.45
C SER A 235 -4.78 10.23 -3.07
N PRO A 236 -5.43 10.40 -4.24
CA PRO A 236 -5.49 11.63 -5.05
C PRO A 236 -6.40 12.79 -4.64
N ILE A 237 -7.30 12.55 -3.69
CA ILE A 237 -8.21 13.60 -3.25
C ILE A 237 -8.05 13.87 -1.75
N GLY A 238 -7.67 15.10 -1.40
CA GLY A 238 -7.49 15.45 0.00
C GLY A 238 -6.03 15.53 0.43
N THR A 239 -5.80 15.57 1.73
CA THR A 239 -4.46 15.65 2.28
C THR A 239 -4.12 14.40 3.09
N PHE A 240 -2.94 13.85 2.88
CA PHE A 240 -2.49 12.65 3.57
C PHE A 240 -1.08 12.84 4.12
N GLN A 241 -0.93 12.67 5.43
CA GLN A 241 0.36 12.81 6.09
C GLN A 241 1.14 14.03 5.57
N ASN A 242 0.45 15.18 5.59
CA ASN A 242 0.98 16.48 5.16
C ASN A 242 1.16 16.70 3.66
N VAL A 243 0.77 15.73 2.85
CA VAL A 243 0.91 15.87 1.40
C VAL A 243 -0.47 16.01 0.76
N ASP A 244 -0.78 17.19 0.24
CA ASP A 244 -2.06 17.41 -0.41
C ASP A 244 -1.89 17.06 -1.89
N ASN A 245 -2.91 17.29 -2.70
CA ASN A 245 -2.83 16.95 -4.11
C ASN A 245 -2.89 18.13 -5.06
N GLY A 246 -2.57 19.32 -4.56
CA GLY A 246 -2.57 20.50 -5.40
C GLY A 246 -3.91 21.20 -5.56
N PRO A 247 -3.93 22.33 -6.28
CA PRO A 247 -5.13 23.15 -6.53
C PRO A 247 -6.09 22.61 -7.59
N ASN A 248 -5.67 21.56 -8.31
CA ASN A 248 -6.51 20.95 -9.34
C ASN A 248 -6.53 19.44 -9.13
N GLU A 249 -6.73 19.01 -7.89
CA GLU A 249 -6.73 17.59 -7.58
C GLU A 249 -7.67 16.70 -8.38
N GLU A 250 -8.92 17.12 -8.58
CA GLU A 250 -9.86 16.28 -9.33
C GLU A 250 -9.39 16.06 -10.78
N ALA A 251 -9.05 17.14 -11.47
CA ALA A 251 -8.58 17.03 -12.85
C ALA A 251 -7.30 16.19 -12.94
N ASP A 252 -6.35 16.44 -12.05
CA ASP A 252 -5.10 15.68 -12.03
C ASP A 252 -5.33 14.20 -11.74
N ALA A 253 -6.29 13.91 -10.87
CA ALA A 253 -6.60 12.52 -10.52
C ALA A 253 -7.15 11.78 -11.75
N LEU A 254 -8.07 12.41 -12.46
CA LEU A 254 -8.67 11.81 -13.64
C LEU A 254 -7.63 11.58 -14.74
N TYR A 255 -6.65 12.48 -14.85
CA TYR A 255 -5.59 12.32 -15.85
C TYR A 255 -4.79 11.06 -15.52
N LEU A 256 -4.40 10.93 -14.25
CA LEU A 256 -3.62 9.77 -13.81
C LEU A 256 -4.38 8.47 -14.04
N ILE A 257 -5.67 8.46 -13.71
CA ILE A 257 -6.47 7.26 -13.87
C ILE A 257 -6.61 6.88 -15.35
N GLU A 258 -6.79 7.86 -16.22
CA GLU A 258 -6.88 7.56 -17.64
C GLU A 258 -5.57 6.95 -18.13
N GLU A 259 -4.44 7.47 -17.65
CA GLU A 259 -3.14 6.93 -18.06
C GLU A 259 -2.95 5.50 -17.55
N LEU A 260 -3.35 5.25 -16.30
CA LEU A 260 -3.21 3.91 -15.74
C LEU A 260 -4.07 2.91 -16.53
N ALA A 261 -5.25 3.36 -16.94
CA ALA A 261 -6.17 2.52 -17.71
C ALA A 261 -5.57 2.02 -19.01
N LYS A 262 -4.72 2.84 -19.63
CA LYS A 262 -4.09 2.46 -20.90
C LYS A 262 -3.22 1.22 -20.76
N ARG A 263 -2.71 0.98 -19.55
CA ARG A 263 -1.85 -0.17 -19.30
C ARG A 263 -2.62 -1.47 -19.01
N GLY A 264 -3.92 -1.33 -18.80
CA GLY A 264 -4.76 -2.49 -18.53
C GLY A 264 -4.37 -3.29 -17.31
N ILE A 265 -3.99 -2.60 -16.24
CA ILE A 265 -3.58 -3.27 -15.01
C ILE A 265 -4.76 -3.90 -14.28
N ALA A 266 -4.45 -4.78 -13.33
CA ALA A 266 -5.48 -5.50 -12.58
C ALA A 266 -6.44 -4.66 -11.76
N TYR A 267 -5.93 -3.71 -10.99
CA TYR A 267 -6.83 -2.90 -10.19
C TYR A 267 -6.35 -1.53 -9.76
N LEU A 268 -7.32 -0.71 -9.36
CA LEU A 268 -7.11 0.64 -8.88
C LEU A 268 -7.66 0.67 -7.46
N HIS A 269 -6.79 0.91 -6.48
CA HIS A 269 -7.16 0.95 -5.07
C HIS A 269 -7.16 2.39 -4.60
N MET A 270 -8.33 2.91 -4.27
CA MET A 270 -8.43 4.29 -3.84
C MET A 270 -8.59 4.50 -2.34
N SER A 271 -7.57 5.08 -1.73
CA SER A 271 -7.59 5.39 -0.31
C SER A 271 -8.27 6.76 -0.28
N GLU A 272 -9.50 6.78 0.19
CA GLU A 272 -10.32 7.98 0.20
C GLU A 272 -10.06 9.05 1.26
N THR A 273 -9.59 8.63 2.43
CA THR A 273 -9.35 9.58 3.51
C THR A 273 -8.17 9.22 4.39
N ASP A 274 -7.54 10.25 4.95
CA ASP A 274 -6.42 10.09 5.87
C ASP A 274 -7.06 9.59 7.16
N LEU A 275 -6.26 9.01 8.05
CA LEU A 275 -6.82 8.52 9.32
C LEU A 275 -7.47 9.66 10.10
N ALA A 276 -6.99 10.88 9.87
CA ALA A 276 -7.53 12.06 10.55
C ALA A 276 -8.80 12.61 9.92
N GLY A 277 -9.24 12.00 8.81
CA GLY A 277 -10.46 12.45 8.15
C GLY A 277 -10.23 13.27 6.90
N GLY A 278 -11.32 13.50 6.17
CA GLY A 278 -11.27 14.28 4.95
C GLY A 278 -12.65 14.37 4.32
N LYS A 279 -12.81 15.24 3.34
CA LYS A 279 -14.11 15.38 2.67
C LYS A 279 -14.44 14.12 1.90
N PRO A 280 -15.71 13.67 1.96
CA PRO A 280 -16.16 12.47 1.26
C PRO A 280 -16.23 12.62 -0.25
N TYR A 281 -16.06 11.50 -0.96
CA TYR A 281 -16.13 11.50 -2.42
C TYR A 281 -17.58 11.71 -2.82
N SER A 282 -17.80 12.51 -3.87
CA SER A 282 -19.15 12.74 -4.36
C SER A 282 -19.45 11.61 -5.34
N GLU A 283 -20.72 11.28 -5.51
CA GLU A 283 -21.06 10.21 -6.44
C GLU A 283 -20.68 10.59 -7.88
N ALA A 284 -20.71 11.88 -8.17
CA ALA A 284 -20.35 12.35 -9.51
C ALA A 284 -18.87 12.03 -9.78
N PHE A 285 -18.03 12.25 -8.78
CA PHE A 285 -16.60 11.96 -8.94
C PHE A 285 -16.39 10.45 -9.08
N ARG A 286 -17.13 9.67 -8.30
CA ARG A 286 -17.01 8.22 -8.37
C ARG A 286 -17.36 7.72 -9.78
N GLN A 287 -18.36 8.35 -10.39
CA GLN A 287 -18.78 7.99 -11.75
C GLN A 287 -17.69 8.32 -12.77
N LYS A 288 -17.04 9.47 -12.59
CA LYS A 288 -15.98 9.87 -13.50
C LYS A 288 -14.79 8.92 -13.40
N VAL A 289 -14.52 8.42 -12.20
CA VAL A 289 -13.42 7.48 -12.01
C VAL A 289 -13.79 6.14 -12.67
N ARG A 290 -15.00 5.68 -12.36
CA ARG A 290 -15.49 4.40 -12.88
C ARG A 290 -15.45 4.27 -14.40
N GLU A 291 -15.84 5.33 -15.10
CA GLU A 291 -15.86 5.28 -16.56
C GLU A 291 -14.48 5.44 -17.21
N ARG A 292 -13.46 5.69 -16.40
CA ARG A 292 -12.10 5.86 -16.92
C ARG A 292 -11.19 4.65 -16.68
N PHE A 293 -11.60 3.75 -15.80
CA PHE A 293 -10.79 2.57 -15.49
C PHE A 293 -11.58 1.29 -15.80
N HIS A 294 -10.93 0.35 -16.48
CA HIS A 294 -11.59 -0.89 -16.89
C HIS A 294 -11.26 -2.15 -16.10
N GLY A 295 -10.56 -1.97 -14.99
CA GLY A 295 -10.22 -3.11 -14.14
C GLY A 295 -11.00 -3.01 -12.85
N VAL A 296 -10.60 -3.79 -11.84
CA VAL A 296 -11.27 -3.77 -10.55
C VAL A 296 -10.96 -2.48 -9.78
N ILE A 297 -11.98 -1.94 -9.11
CA ILE A 297 -11.81 -0.73 -8.31
C ILE A 297 -12.11 -1.06 -6.85
N ILE A 298 -11.13 -0.79 -5.98
CA ILE A 298 -11.25 -1.05 -4.56
C ILE A 298 -11.38 0.26 -3.79
N GLY A 299 -12.41 0.36 -2.97
CA GLY A 299 -12.60 1.56 -2.16
C GLY A 299 -12.12 1.31 -0.75
N ALA A 300 -11.53 2.32 -0.11
CA ALA A 300 -11.02 2.18 1.26
C ALA A 300 -11.06 3.48 2.05
N GLY A 301 -11.11 3.35 3.37
CA GLY A 301 -11.13 4.53 4.23
C GLY A 301 -12.35 4.63 5.12
N ALA A 302 -12.27 4.04 6.31
CA ALA A 302 -13.35 4.08 7.28
C ALA A 302 -14.69 3.57 6.74
N TYR A 303 -14.64 2.55 5.88
CA TYR A 303 -15.85 1.99 5.32
C TYR A 303 -16.65 1.15 6.31
N THR A 304 -17.97 1.14 6.12
CA THR A 304 -18.86 0.32 6.94
C THR A 304 -19.33 -0.71 5.92
N ALA A 305 -19.84 -1.85 6.39
CA ALA A 305 -20.32 -2.87 5.47
C ALA A 305 -21.46 -2.29 4.64
N GLU A 306 -22.31 -1.49 5.28
CA GLU A 306 -23.45 -0.86 4.61
C GLU A 306 -23.00 0.03 3.46
N LYS A 307 -21.96 0.82 3.68
CA LYS A 307 -21.45 1.72 2.66
C LYS A 307 -20.88 0.90 1.49
N ALA A 308 -20.20 -0.19 1.82
CA ALA A 308 -19.62 -1.06 0.79
C ALA A 308 -20.73 -1.63 -0.09
N GLU A 309 -21.79 -2.14 0.53
CA GLU A 309 -22.91 -2.71 -0.20
C GLU A 309 -23.58 -1.65 -1.08
N ASP A 310 -23.75 -0.44 -0.55
CA ASP A 310 -24.38 0.64 -1.28
C ASP A 310 -23.61 0.98 -2.56
N LEU A 311 -22.31 1.18 -2.44
CA LEU A 311 -21.48 1.54 -3.59
C LEU A 311 -21.25 0.40 -4.58
N ILE A 312 -21.19 -0.83 -4.08
CA ILE A 312 -21.01 -1.98 -4.97
C ILE A 312 -22.32 -2.20 -5.73
N GLY A 313 -23.44 -1.99 -5.03
CA GLY A 313 -24.75 -2.15 -5.64
C GLY A 313 -25.01 -1.10 -6.70
N LYS A 314 -24.46 0.10 -6.51
CA LYS A 314 -24.63 1.18 -7.46
C LYS A 314 -23.65 1.03 -8.63
N GLY A 315 -22.83 -0.01 -8.56
CA GLY A 315 -21.86 -0.28 -9.60
C GLY A 315 -20.70 0.69 -9.69
N LEU A 316 -20.41 1.40 -8.59
CA LEU A 316 -19.33 2.38 -8.58
C LEU A 316 -17.96 1.80 -8.20
N ILE A 317 -17.96 0.75 -7.38
CA ILE A 317 -16.73 0.07 -6.96
C ILE A 317 -16.99 -1.43 -7.00
N ASP A 318 -15.93 -2.24 -6.94
CA ASP A 318 -16.08 -3.69 -6.98
C ASP A 318 -15.81 -4.39 -5.65
N ALA A 319 -14.92 -3.82 -4.85
CA ALA A 319 -14.58 -4.40 -3.56
C ALA A 319 -14.20 -3.32 -2.57
N VAL A 320 -14.07 -3.70 -1.31
CA VAL A 320 -13.69 -2.77 -0.26
C VAL A 320 -12.58 -3.35 0.59
N ALA A 321 -11.61 -2.51 0.94
CA ALA A 321 -10.51 -2.96 1.77
C ALA A 321 -10.70 -2.41 3.18
N PHE A 322 -10.71 -3.30 4.17
CA PHE A 322 -10.86 -2.90 5.57
C PHE A 322 -9.51 -3.02 6.25
N GLY A 323 -9.15 -1.99 7.01
CA GLY A 323 -7.88 -1.99 7.69
C GLY A 323 -7.97 -2.37 9.16
N ARG A 324 -8.33 -1.41 10.00
CA ARG A 324 -8.42 -1.66 11.43
C ARG A 324 -9.34 -2.80 11.83
N ASP A 325 -10.44 -3.01 11.11
CA ASP A 325 -11.32 -4.13 11.45
C ASP A 325 -10.61 -5.46 11.20
N TYR A 326 -9.69 -5.49 10.23
CA TYR A 326 -8.95 -6.73 9.95
C TYR A 326 -7.86 -6.97 10.98
N ILE A 327 -7.35 -5.89 11.59
CA ILE A 327 -6.34 -6.05 12.62
C ILE A 327 -6.99 -6.83 13.77
N ALA A 328 -8.20 -6.43 14.14
CA ALA A 328 -8.91 -7.02 15.26
C ALA A 328 -9.78 -8.24 14.97
N ASN A 329 -10.01 -8.56 13.71
CA ASN A 329 -10.87 -9.69 13.35
C ASN A 329 -10.31 -10.53 12.21
N PRO A 330 -9.58 -11.61 12.54
CA PRO A 330 -9.02 -12.45 11.48
C PRO A 330 -10.08 -13.03 10.54
N ASP A 331 -11.24 -13.37 11.10
CA ASP A 331 -12.34 -13.94 10.33
C ASP A 331 -13.43 -12.89 10.07
N LEU A 332 -12.99 -11.69 9.70
CA LEU A 332 -13.92 -10.59 9.41
C LEU A 332 -14.99 -11.00 8.40
N VAL A 333 -14.61 -11.79 7.40
CA VAL A 333 -15.57 -12.21 6.39
C VAL A 333 -16.75 -12.95 7.02
N ALA A 334 -16.47 -13.95 7.83
CA ALA A 334 -17.52 -14.72 8.51
C ALA A 334 -18.36 -13.83 9.44
N ARG A 335 -17.71 -12.92 10.15
CA ARG A 335 -18.43 -12.04 11.06
C ARG A 335 -19.40 -11.11 10.32
N LEU A 336 -18.96 -10.53 9.21
CA LEU A 336 -19.81 -9.64 8.43
C LEU A 336 -20.93 -10.43 7.76
N GLN A 337 -20.64 -11.68 7.39
CA GLN A 337 -21.63 -12.51 6.73
C GLN A 337 -22.73 -12.92 7.72
N LYS A 338 -22.33 -13.23 8.96
CA LYS A 338 -23.27 -13.66 9.99
C LYS A 338 -23.84 -12.49 10.80
N LYS A 339 -23.31 -11.29 10.58
CA LYS A 339 -23.76 -10.11 11.32
C LYS A 339 -23.43 -10.27 12.81
N ALA A 340 -22.26 -10.85 13.08
CA ALA A 340 -21.79 -11.06 14.45
C ALA A 340 -21.04 -9.83 14.94
N GLU A 341 -20.85 -9.74 16.25
CA GLU A 341 -20.11 -8.61 16.81
C GLU A 341 -18.63 -8.79 16.52
N LEU A 342 -17.89 -7.69 16.48
CA LEU A 342 -16.45 -7.72 16.21
C LEU A 342 -15.66 -7.60 17.51
N ASN A 343 -14.40 -8.04 17.49
CA ASN A 343 -13.54 -7.93 18.67
C ASN A 343 -13.19 -6.44 18.79
N PRO A 344 -13.01 -5.94 20.01
CA PRO A 344 -12.66 -4.53 20.16
C PRO A 344 -11.20 -4.29 19.79
N GLN A 345 -10.91 -3.12 19.22
CA GLN A 345 -9.55 -2.77 18.82
C GLN A 345 -8.67 -2.31 19.99
N ARG A 346 -7.38 -2.64 19.90
CA ARG A 346 -6.39 -2.27 20.91
C ARG A 346 -5.28 -1.51 20.18
N PRO A 347 -5.50 -0.23 19.88
CA PRO A 347 -4.55 0.63 19.18
C PRO A 347 -3.11 0.69 19.69
N GLU A 348 -2.90 0.51 21.00
CA GLU A 348 -1.56 0.60 21.55
C GLU A 348 -0.61 -0.49 21.04
N SER A 349 -1.15 -1.55 20.45
CA SER A 349 -0.31 -2.62 19.92
C SER A 349 -0.36 -2.72 18.40
N PHE A 350 -0.78 -1.64 17.73
CA PHE A 350 -0.82 -1.64 16.27
C PHE A 350 0.60 -1.72 15.72
N TYR A 351 1.52 -0.99 16.34
CA TYR A 351 2.91 -0.94 15.90
C TYR A 351 3.93 -1.57 16.84
N GLY A 352 4.78 -2.43 16.28
CA GLY A 352 5.82 -3.08 17.05
C GLY A 352 5.34 -4.12 18.05
N GLY A 353 6.27 -4.57 18.89
CA GLY A 353 5.93 -5.57 19.88
C GLY A 353 5.97 -6.99 19.34
N GLY A 354 5.11 -7.85 19.87
CA GLY A 354 5.08 -9.23 19.44
C GLY A 354 3.69 -9.77 19.18
N ALA A 355 3.43 -10.98 19.66
CA ALA A 355 2.14 -11.63 19.47
C ALA A 355 0.96 -10.88 20.06
N GLU A 356 1.14 -10.25 21.22
CA GLU A 356 0.03 -9.53 21.84
C GLU A 356 -0.45 -8.39 20.95
N GLY A 357 -1.75 -8.39 20.64
CA GLY A 357 -2.31 -7.36 19.79
C GLY A 357 -2.02 -7.60 18.32
N TYR A 358 -1.55 -8.82 18.00
CA TYR A 358 -1.20 -9.18 16.63
C TYR A 358 -1.90 -10.48 16.22
N THR A 359 -1.57 -11.58 16.90
CA THR A 359 -2.16 -12.88 16.61
C THR A 359 -3.10 -13.37 17.70
N ASP A 360 -3.37 -12.52 18.70
CA ASP A 360 -4.23 -12.93 19.81
C ASP A 360 -5.69 -12.43 19.75
N TYR A 361 -6.12 -11.95 18.60
CA TYR A 361 -7.52 -11.53 18.41
C TYR A 361 -8.17 -12.85 17.95
N PRO A 362 -9.11 -13.40 18.73
CA PRO A 362 -9.75 -14.66 18.36
C PRO A 362 -10.75 -14.67 17.21
N SER A 363 -10.88 -15.84 16.59
CA SER A 363 -11.85 -16.05 15.53
C SER A 363 -13.07 -16.58 16.27
N LEU A 364 -14.22 -16.59 15.60
CA LEU A 364 -15.46 -17.09 16.20
C LEU A 364 -15.29 -18.57 16.55
#